data_2MTM
#
_entry.id   2MTM
#
_entity_poly.entity_id   1
_entity_poly.type   'polypeptide(L)'
_entity_poly.pdbx_seq_one_letter_code
;ARCCLVMPVPPFACVKFCS
;
_entity_poly.pdbx_strand_id   A
#
# COMPACT_ATOMS: atom_id res chain seq x y z
N ALA A 1 11.18 -2.37 -1.27
CA ALA A 1 10.32 -2.09 -2.41
C ALA A 1 9.54 -0.79 -2.20
N ARG A 2 8.69 -0.47 -3.17
CA ARG A 2 7.89 0.75 -3.09
C ARG A 2 6.39 0.42 -3.18
N CYS A 3 5.59 1.16 -2.42
CA CYS A 3 4.15 0.95 -2.40
C CYS A 3 3.58 0.99 -3.81
N CYS A 4 2.71 0.04 -4.12
CA CYS A 4 2.09 -0.04 -5.44
C CYS A 4 0.64 0.42 -5.38
N LEU A 5 -0.06 0.04 -4.31
CA LEU A 5 -1.46 0.41 -4.12
C LEU A 5 -1.78 0.60 -2.64
N VAL A 6 -1.97 1.85 -2.25
CA VAL A 6 -2.29 2.16 -0.86
C VAL A 6 -3.80 2.33 -0.66
N MET A 7 -4.29 1.97 0.52
CA MET A 7 -5.71 2.07 0.82
C MET A 7 -5.97 3.26 1.74
N PRO A 8 -6.96 4.08 1.38
CA PRO A 8 -7.34 5.26 2.16
C PRO A 8 -8.01 4.90 3.49
N VAL A 9 -8.33 3.62 3.65
CA VAL A 9 -8.97 3.14 4.87
C VAL A 9 -7.96 2.42 5.75
N PRO A 10 -8.20 2.45 7.07
CA PRO A 10 -7.34 1.80 8.06
C PRO A 10 -7.40 0.28 7.99
N PRO A 11 -6.23 -0.37 7.94
CA PRO A 11 -4.94 0.33 7.95
C PRO A 11 -4.68 1.10 6.67
N PHE A 12 -4.26 2.36 6.80
CA PHE A 12 -3.98 3.19 5.65
C PHE A 12 -2.72 2.73 4.93
N ALA A 13 -2.04 1.72 5.51
CA ALA A 13 -0.83 1.18 4.92
C ALA A 13 -1.07 0.73 3.49
N CYS A 14 -0.02 0.18 2.87
CA CYS A 14 -0.12 -0.30 1.49
C CYS A 14 -0.66 -1.72 1.45
N VAL A 15 -1.36 -2.05 0.37
CA VAL A 15 -1.93 -3.39 0.20
C VAL A 15 -1.08 -4.24 -0.73
N LYS A 16 -0.50 -3.60 -1.74
CA LYS A 16 0.34 -4.31 -2.70
C LYS A 16 1.66 -3.56 -2.90
N PHE A 17 2.77 -4.26 -2.64
CA PHE A 17 4.09 -3.67 -2.80
C PHE A 17 4.66 -3.97 -4.19
N CYS A 18 5.16 -2.92 -4.85
CA CYS A 18 5.73 -3.07 -6.18
C CYS A 18 7.21 -3.40 -6.10
N SER A 19 7.62 -4.45 -6.81
CA SER A 19 9.02 -4.88 -6.81
C SER A 19 9.84 -4.00 -7.76
N ALA A 1 11.66 -2.20 -2.26
CA ALA A 1 10.28 -2.32 -2.71
C ALA A 1 9.53 -1.01 -2.53
N ARG A 2 8.63 -0.71 -3.45
CA ARG A 2 7.84 0.52 -3.40
C ARG A 2 6.35 0.21 -3.42
N CYS A 3 5.57 1.06 -2.76
CA CYS A 3 4.12 0.88 -2.69
C CYS A 3 3.52 0.86 -4.09
N CYS A 4 2.65 -0.12 -4.34
CA CYS A 4 2.00 -0.25 -5.64
C CYS A 4 0.54 0.20 -5.57
N LEU A 5 -0.09 -0.05 -4.43
CA LEU A 5 -1.48 0.33 -4.22
C LEU A 5 -1.79 0.53 -2.75
N VAL A 6 -1.96 1.79 -2.36
CA VAL A 6 -2.26 2.13 -0.97
C VAL A 6 -3.76 2.29 -0.76
N MET A 7 -4.22 1.97 0.45
CA MET A 7 -5.64 2.08 0.78
C MET A 7 -5.89 3.29 1.67
N PRO A 8 -6.89 4.10 1.31
CA PRO A 8 -7.25 5.32 2.06
C PRO A 8 -7.88 4.98 3.41
N VAL A 9 -8.23 3.71 3.60
CA VAL A 9 -8.84 3.27 4.85
C VAL A 9 -7.82 2.57 5.74
N PRO A 10 -8.05 2.64 7.06
CA PRO A 10 -7.15 2.02 8.05
C PRO A 10 -7.22 0.49 8.01
N PRO A 11 -6.05 -0.15 7.96
CA PRO A 11 -4.76 0.55 7.95
C PRO A 11 -4.52 1.29 6.64
N PHE A 12 -4.10 2.54 6.73
CA PHE A 12 -3.83 3.36 5.56
C PHE A 12 -2.58 2.87 4.83
N ALA A 13 -1.91 1.89 5.42
CA ALA A 13 -0.70 1.33 4.83
C ALA A 13 -0.96 0.83 3.41
N CYS A 14 0.08 0.27 2.79
CA CYS A 14 -0.04 -0.24 1.43
C CYS A 14 -0.58 -1.67 1.43
N VAL A 15 -1.30 -2.02 0.37
CA VAL A 15 -1.88 -3.36 0.24
C VAL A 15 -1.03 -4.23 -0.67
N LYS A 16 -0.52 -3.64 -1.74
CA LYS A 16 0.31 -4.37 -2.69
C LYS A 16 1.61 -3.62 -2.97
N PHE A 17 2.74 -4.29 -2.75
CA PHE A 17 4.04 -3.69 -2.97
C PHE A 17 4.63 -4.14 -4.31
N CYS A 18 5.14 -3.18 -5.07
CA CYS A 18 5.72 -3.47 -6.38
C CYS A 18 7.20 -3.82 -6.24
N SER A 19 7.62 -4.90 -6.89
CA SER A 19 9.01 -5.34 -6.83
C SER A 19 9.81 -4.76 -8.00
N ALA A 1 11.51 -2.30 -2.22
CA ALA A 1 10.16 -2.41 -2.76
C ALA A 1 9.39 -1.11 -2.55
N ARG A 2 8.47 -0.82 -3.47
CA ARG A 2 7.67 0.39 -3.39
C ARG A 2 6.18 0.06 -3.39
N CYS A 3 5.38 0.94 -2.81
CA CYS A 3 3.93 0.74 -2.74
C CYS A 3 3.31 0.77 -4.14
N CYS A 4 2.39 -0.14 -4.39
CA CYS A 4 1.72 -0.22 -5.69
C CYS A 4 0.26 0.21 -5.57
N LEU A 5 -0.37 -0.14 -4.45
CA LEU A 5 -1.77 0.20 -4.22
C LEU A 5 -2.03 0.45 -2.73
N VAL A 6 -2.17 1.72 -2.36
CA VAL A 6 -2.41 2.08 -0.97
C VAL A 6 -3.91 2.26 -0.71
N MET A 7 -4.34 1.93 0.51
CA MET A 7 -5.74 2.07 0.88
C MET A 7 -5.96 3.28 1.76
N PRO A 8 -6.97 4.09 1.42
CA PRO A 8 -7.31 5.30 2.17
C PRO A 8 -7.90 4.99 3.54
N VAL A 9 -8.22 3.73 3.77
CA VAL A 9 -8.78 3.30 5.04
C VAL A 9 -7.74 2.61 5.91
N PRO A 10 -7.91 2.69 7.24
CA PRO A 10 -7.00 2.08 8.19
C PRO A 10 -7.08 0.56 8.18
N PRO A 11 -5.90 -0.10 8.10
CA PRO A 11 -4.61 0.60 8.03
C PRO A 11 -4.42 1.32 6.69
N PHE A 12 -3.99 2.58 6.76
CA PHE A 12 -3.77 3.37 5.56
C PHE A 12 -2.54 2.86 4.80
N ALA A 13 -1.85 1.89 5.38
CA ALA A 13 -0.66 1.33 4.76
C ALA A 13 -0.96 0.81 3.35
N CYS A 14 0.04 0.25 2.70
CA CYS A 14 -0.12 -0.28 1.36
C CYS A 14 -0.66 -1.71 1.39
N VAL A 15 -1.41 -2.08 0.37
CA VAL A 15 -1.98 -3.42 0.28
C VAL A 15 -1.18 -4.30 -0.67
N LYS A 16 -0.64 -3.71 -1.73
CA LYS A 16 0.15 -4.44 -2.71
C LYS A 16 1.45 -3.69 -3.02
N PHE A 17 2.57 -4.32 -2.72
CA PHE A 17 3.87 -3.72 -2.98
C PHE A 17 4.46 -4.23 -4.30
N CYS A 18 4.89 -3.29 -5.14
CA CYS A 18 5.47 -3.63 -6.43
C CYS A 18 6.98 -3.87 -6.30
N SER A 19 7.44 -5.00 -6.85
CA SER A 19 8.86 -5.34 -6.80
C SER A 19 9.67 -4.48 -7.76
N ALA A 1 11.58 -1.94 -1.59
CA ALA A 1 10.21 -2.04 -2.08
C ALA A 1 9.47 -0.71 -1.88
N ARG A 2 8.66 -0.34 -2.86
CA ARG A 2 7.89 0.90 -2.80
C ARG A 2 6.39 0.63 -2.94
N CYS A 3 5.60 1.32 -2.15
CA CYS A 3 4.15 1.17 -2.18
C CYS A 3 3.62 1.31 -3.60
N CYS A 4 2.73 0.41 -3.99
CA CYS A 4 2.14 0.45 -5.33
C CYS A 4 0.68 0.89 -5.27
N LEU A 5 -0.02 0.48 -4.22
CA LEU A 5 -1.42 0.84 -4.06
C LEU A 5 -1.78 0.94 -2.58
N VAL A 6 -1.94 2.17 -2.10
CA VAL A 6 -2.28 2.41 -0.70
C VAL A 6 -3.79 2.56 -0.53
N MET A 7 -4.30 2.14 0.62
CA MET A 7 -5.73 2.23 0.91
C MET A 7 -6.00 3.37 1.89
N PRO A 8 -7.00 4.21 1.55
CA PRO A 8 -7.38 5.35 2.38
C PRO A 8 -8.06 4.92 3.68
N VAL A 9 -8.39 3.64 3.76
CA VAL A 9 -9.04 3.09 4.96
C VAL A 9 -8.06 2.31 5.82
N PRO A 10 -8.33 2.28 7.14
CA PRO A 10 -7.48 1.58 8.09
C PRO A 10 -7.54 0.07 7.94
N PRO A 11 -6.37 -0.58 7.87
CA PRO A 11 -5.07 0.11 7.96
C PRO A 11 -4.79 0.95 6.70
N PHE A 12 -4.38 2.19 6.92
CA PHE A 12 -4.07 3.10 5.82
C PHE A 12 -2.80 2.67 5.10
N ALA A 13 -2.15 1.64 5.63
CA ALA A 13 -0.92 1.13 5.05
C ALA A 13 -1.13 0.75 3.58
N CYS A 14 -0.08 0.24 2.95
CA CYS A 14 -0.15 -0.18 1.55
C CYS A 14 -0.68 -1.61 1.43
N VAL A 15 -1.39 -1.87 0.33
CA VAL A 15 -1.95 -3.19 0.09
C VAL A 15 -1.07 -4.00 -0.85
N LYS A 16 -0.49 -3.34 -1.84
CA LYS A 16 0.38 -3.99 -2.81
C LYS A 16 1.67 -3.21 -2.99
N PHE A 17 2.80 -3.87 -2.73
CA PHE A 17 4.11 -3.23 -2.87
C PHE A 17 4.75 -3.61 -4.20
N CYS A 18 5.33 -2.62 -4.87
CA CYS A 18 5.99 -2.85 -6.15
C CYS A 18 7.45 -3.23 -5.95
N SER A 19 7.88 -4.29 -6.65
CA SER A 19 9.25 -4.76 -6.54
C SER A 19 10.09 -4.25 -7.71
N ALA A 1 11.46 -2.25 -0.74
CA ALA A 1 10.20 -2.27 -1.49
C ALA A 1 9.54 -0.89 -1.49
N ARG A 2 8.80 -0.59 -2.55
CA ARG A 2 8.11 0.68 -2.67
C ARG A 2 6.61 0.48 -2.82
N CYS A 3 5.83 1.20 -2.02
CA CYS A 3 4.39 1.11 -2.07
C CYS A 3 3.87 1.30 -3.49
N CYS A 4 2.98 0.39 -3.92
CA CYS A 4 2.43 0.46 -5.26
C CYS A 4 0.98 0.97 -5.22
N LEU A 5 0.25 0.55 -4.19
CA LEU A 5 -1.14 0.97 -4.04
C LEU A 5 -1.53 1.03 -2.56
N VAL A 6 -1.70 2.25 -2.05
CA VAL A 6 -2.08 2.44 -0.66
C VAL A 6 -3.58 2.65 -0.51
N MET A 7 -4.13 2.19 0.61
CA MET A 7 -5.56 2.34 0.86
C MET A 7 -5.82 3.45 1.87
N PRO A 8 -6.77 4.34 1.54
CA PRO A 8 -7.14 5.46 2.41
C PRO A 8 -7.87 5.00 3.67
N VAL A 9 -8.25 3.74 3.70
CA VAL A 9 -8.95 3.18 4.85
C VAL A 9 -8.02 2.34 5.71
N PRO A 10 -8.32 2.27 7.02
CA PRO A 10 -7.52 1.50 7.97
C PRO A 10 -7.64 0.00 7.76
N PRO A 11 -6.49 -0.69 7.71
CA PRO A 11 -5.18 -0.05 7.84
C PRO A 11 -4.83 0.81 6.64
N PHE A 12 -4.37 2.04 6.91
CA PHE A 12 -4.01 2.97 5.84
C PHE A 12 -2.74 2.52 5.14
N ALA A 13 -2.13 1.45 5.65
CA ALA A 13 -0.91 0.91 5.07
C ALA A 13 -1.10 0.59 3.59
N CYS A 14 -0.04 0.06 2.97
CA CYS A 14 -0.09 -0.30 1.55
C CYS A 14 -0.66 -1.69 1.36
N VAL A 15 -1.36 -1.89 0.24
CA VAL A 15 -1.97 -3.18 -0.06
C VAL A 15 -1.08 -3.99 -1.01
N LYS A 16 -0.43 -3.29 -1.94
CA LYS A 16 0.45 -3.94 -2.91
C LYS A 16 1.78 -3.21 -3.00
N PHE A 17 2.87 -3.94 -2.72
CA PHE A 17 4.21 -3.36 -2.78
C PHE A 17 4.91 -3.75 -4.07
N CYS A 18 5.59 -2.78 -4.69
CA CYS A 18 6.31 -3.03 -5.93
C CYS A 18 7.73 -3.51 -5.66
N SER A 19 8.14 -4.57 -6.34
CA SER A 19 9.48 -5.13 -6.17
C SER A 19 10.50 -4.36 -7.00
N ALA A 1 11.62 -2.31 -2.49
CA ALA A 1 10.22 -2.42 -2.89
C ALA A 1 9.47 -1.11 -2.66
N ARG A 2 8.57 -0.78 -3.57
CA ARG A 2 7.79 0.44 -3.48
C ARG A 2 6.30 0.14 -3.48
N CYS A 3 5.52 1.01 -2.82
CA CYS A 3 4.07 0.84 -2.75
C CYS A 3 3.45 0.91 -4.14
N CYS A 4 2.62 -0.09 -4.45
CA CYS A 4 1.94 -0.14 -5.75
C CYS A 4 0.51 0.36 -5.64
N LEU A 5 -0.13 0.08 -4.51
CA LEU A 5 -1.50 0.51 -4.28
C LEU A 5 -1.79 0.68 -2.79
N VAL A 6 -1.97 1.93 -2.37
CA VAL A 6 -2.24 2.23 -0.96
C VAL A 6 -3.73 2.42 -0.73
N MET A 7 -4.19 2.06 0.47
CA MET A 7 -5.59 2.18 0.82
C MET A 7 -5.82 3.38 1.75
N PRO A 8 -6.80 4.21 1.42
CA PRO A 8 -7.14 5.40 2.22
C PRO A 8 -7.76 5.04 3.56
N VAL A 9 -8.12 3.77 3.72
CA VAL A 9 -8.72 3.29 4.97
C VAL A 9 -7.71 2.54 5.81
N PRO A 10 -7.91 2.56 7.14
CA PRO A 10 -7.03 1.88 8.09
C PRO A 10 -7.14 0.37 8.01
N PRO A 11 -5.99 -0.31 7.92
CA PRO A 11 -4.68 0.36 7.91
C PRO A 11 -4.43 1.13 6.62
N PHE A 12 -3.98 2.38 6.76
CA PHE A 12 -3.70 3.22 5.61
C PHE A 12 -2.48 2.73 4.85
N ALA A 13 -1.82 1.72 5.40
CA ALA A 13 -0.63 1.15 4.77
C ALA A 13 -0.90 0.72 3.34
N CYS A 14 0.11 0.17 2.69
CA CYS A 14 -0.02 -0.28 1.30
C CYS A 14 -0.60 -1.69 1.24
N VAL A 15 -1.39 -1.96 0.21
CA VAL A 15 -2.00 -3.27 0.04
C VAL A 15 -1.16 -4.15 -0.87
N LYS A 16 -0.68 -3.57 -1.97
CA LYS A 16 0.14 -4.31 -2.93
C LYS A 16 1.45 -3.59 -3.17
N PHE A 17 2.57 -4.30 -2.95
CA PHE A 17 3.89 -3.73 -3.15
C PHE A 17 4.47 -4.15 -4.50
N CYS A 18 4.99 -3.18 -5.24
CA CYS A 18 5.57 -3.45 -6.55
C CYS A 18 7.05 -3.80 -6.42
N SER A 19 7.46 -4.85 -7.12
CA SER A 19 8.84 -5.30 -7.09
C SER A 19 9.62 -4.79 -8.30
N ALA A 1 11.15 -2.71 -0.54
CA ALA A 1 10.26 -2.53 -1.68
C ALA A 1 9.56 -1.17 -1.60
N ARG A 2 8.79 -0.85 -2.64
CA ARG A 2 8.07 0.41 -2.70
C ARG A 2 6.56 0.18 -2.73
N CYS A 3 5.80 1.19 -2.31
CA CYS A 3 4.35 1.08 -2.28
C CYS A 3 3.78 1.18 -3.69
N CYS A 4 2.99 0.18 -4.08
CA CYS A 4 2.39 0.15 -5.41
C CYS A 4 0.96 0.69 -5.37
N LEU A 5 0.27 0.44 -4.26
CA LEU A 5 -1.10 0.91 -4.08
C LEU A 5 -1.48 0.98 -2.60
N VAL A 6 -1.70 2.19 -2.11
CA VAL A 6 -2.06 2.39 -0.71
C VAL A 6 -3.57 2.61 -0.57
N MET A 7 -4.11 2.18 0.57
CA MET A 7 -5.53 2.33 0.83
C MET A 7 -5.79 3.46 1.83
N PRO A 8 -6.73 4.35 1.49
CA PRO A 8 -7.08 5.49 2.34
C PRO A 8 -7.81 5.07 3.61
N VAL A 9 -8.24 3.81 3.64
CA VAL A 9 -8.94 3.27 4.80
C VAL A 9 -8.02 2.43 5.68
N PRO A 10 -8.32 2.38 6.98
CA PRO A 10 -7.52 1.63 7.95
C PRO A 10 -7.65 0.12 7.76
N PRO A 11 -6.51 -0.58 7.72
CA PRO A 11 -5.19 0.06 7.85
C PRO A 11 -4.84 0.91 6.63
N PHE A 12 -4.36 2.12 6.89
CA PHE A 12 -3.98 3.03 5.81
C PHE A 12 -2.71 2.55 5.12
N ALA A 13 -2.13 1.47 5.63
CA ALA A 13 -0.91 0.92 5.06
C ALA A 13 -1.09 0.60 3.59
N CYS A 14 -0.04 0.05 2.97
CA CYS A 14 -0.09 -0.30 1.55
C CYS A 14 -0.70 -1.68 1.35
N VAL A 15 -1.42 -1.85 0.25
CA VAL A 15 -2.05 -3.12 -0.07
C VAL A 15 -1.16 -3.97 -0.97
N LYS A 16 -0.56 -3.33 -1.97
CA LYS A 16 0.31 -4.02 -2.91
C LYS A 16 1.66 -3.33 -3.00
N PHE A 17 2.73 -4.09 -2.80
CA PHE A 17 4.09 -3.54 -2.87
C PHE A 17 4.76 -3.92 -4.19
N CYS A 18 5.37 -2.93 -4.83
CA CYS A 18 6.06 -3.15 -6.10
C CYS A 18 7.51 -3.58 -5.87
N SER A 19 7.92 -4.63 -6.58
CA SER A 19 9.27 -5.15 -6.45
C SER A 19 10.07 -4.92 -7.73
N ALA A 1 11.58 -2.09 -2.08
CA ALA A 1 10.27 -2.20 -2.70
C ALA A 1 9.48 -0.91 -2.50
N ARG A 2 8.55 -0.64 -3.42
CA ARG A 2 7.72 0.56 -3.35
C ARG A 2 6.24 0.19 -3.34
N CYS A 3 5.43 1.06 -2.74
CA CYS A 3 3.99 0.84 -2.67
C CYS A 3 3.36 0.85 -4.05
N CYS A 4 2.54 -0.16 -4.34
CA CYS A 4 1.88 -0.26 -5.64
C CYS A 4 0.41 0.18 -5.53
N LEU A 5 -0.20 -0.10 -4.39
CA LEU A 5 -1.59 0.26 -4.16
C LEU A 5 -1.86 0.48 -2.68
N VAL A 6 -2.10 1.73 -2.31
CA VAL A 6 -2.38 2.08 -0.92
C VAL A 6 -3.87 2.25 -0.68
N MET A 7 -4.32 1.92 0.53
CA MET A 7 -5.72 2.02 0.89
C MET A 7 -5.97 3.24 1.77
N PRO A 8 -6.97 4.05 1.42
CA PRO A 8 -7.33 5.25 2.17
C PRO A 8 -7.94 4.93 3.53
N VAL A 9 -8.27 3.66 3.74
CA VAL A 9 -8.86 3.22 5.00
C VAL A 9 -7.83 2.52 5.87
N PRO A 10 -8.02 2.59 7.19
CA PRO A 10 -7.13 1.97 8.17
C PRO A 10 -7.19 0.45 8.15
N PRO A 11 -6.03 -0.20 8.08
CA PRO A 11 -4.74 0.51 8.04
C PRO A 11 -4.51 1.23 6.72
N PHE A 12 -4.09 2.49 6.80
CA PHE A 12 -3.84 3.30 5.62
C PHE A 12 -2.60 2.81 4.88
N ALA A 13 -1.93 1.83 5.46
CA ALA A 13 -0.72 1.27 4.86
C ALA A 13 -0.98 0.79 3.44
N CYS A 14 0.04 0.23 2.80
CA CYS A 14 -0.09 -0.26 1.44
C CYS A 14 -0.63 -1.71 1.43
N VAL A 15 -1.37 -2.04 0.38
CA VAL A 15 -1.95 -3.37 0.25
C VAL A 15 -1.10 -4.26 -0.65
N LYS A 16 -0.63 -3.68 -1.75
CA LYS A 16 0.21 -4.42 -2.70
C LYS A 16 1.52 -3.67 -2.97
N PHE A 17 2.64 -4.33 -2.67
CA PHE A 17 3.95 -3.74 -2.89
C PHE A 17 4.54 -4.18 -4.22
N CYS A 18 5.01 -3.22 -5.00
CA CYS A 18 5.61 -3.50 -6.30
C CYS A 18 7.10 -3.79 -6.16
N SER A 19 7.54 -4.90 -6.75
CA SER A 19 8.94 -5.29 -6.71
C SER A 19 9.43 -5.34 -5.26
N ALA A 1 11.87 -1.74 -1.16
CA ALA A 1 10.59 -1.81 -1.85
C ALA A 1 9.82 -0.51 -1.73
N ARG A 2 8.94 -0.24 -2.70
CA ARG A 2 8.15 0.98 -2.70
C ARG A 2 6.66 0.65 -2.76
N CYS A 3 5.84 1.59 -2.30
CA CYS A 3 4.39 1.40 -2.28
C CYS A 3 3.83 1.46 -3.71
N CYS A 4 3.06 0.46 -4.08
CA CYS A 4 2.46 0.39 -5.41
C CYS A 4 0.99 0.82 -5.37
N LEU A 5 0.34 0.52 -4.26
CA LEU A 5 -1.08 0.87 -4.09
C LEU A 5 -1.45 0.94 -2.61
N VAL A 6 -1.73 2.15 -2.14
CA VAL A 6 -2.10 2.37 -0.75
C VAL A 6 -3.61 2.51 -0.60
N MET A 7 -4.12 2.07 0.55
CA MET A 7 -5.56 2.15 0.81
C MET A 7 -5.87 3.29 1.79
N PRO A 8 -6.86 4.13 1.44
CA PRO A 8 -7.26 5.26 2.27
C PRO A 8 -7.96 4.82 3.56
N VAL A 9 -8.32 3.54 3.62
CA VAL A 9 -9.01 2.99 4.78
C VAL A 9 -8.03 2.23 5.67
N PRO A 10 -8.32 2.18 6.98
CA PRO A 10 -7.49 1.48 7.96
C PRO A 10 -7.53 -0.03 7.79
N PRO A 11 -6.35 -0.67 7.76
CA PRO A 11 -5.07 0.04 7.87
C PRO A 11 -4.77 0.88 6.64
N PHE A 12 -4.35 2.13 6.87
CA PHE A 12 -4.03 3.04 5.78
C PHE A 12 -2.73 2.62 5.08
N ALA A 13 -2.09 1.59 5.63
CA ALA A 13 -0.84 1.08 5.06
C ALA A 13 -1.02 0.72 3.59
N CYS A 14 0.06 0.23 2.98
CA CYS A 14 0.03 -0.15 1.57
C CYS A 14 -0.50 -1.57 1.41
N VAL A 15 -1.15 -1.83 0.28
CA VAL A 15 -1.70 -3.15 0.00
C VAL A 15 -0.78 -3.94 -0.92
N LYS A 16 -0.25 -3.28 -1.94
CA LYS A 16 0.65 -3.92 -2.90
C LYS A 16 1.95 -3.14 -3.01
N PHE A 17 3.07 -3.83 -2.78
CA PHE A 17 4.39 -3.21 -2.86
C PHE A 17 5.07 -3.56 -4.18
N CYS A 18 5.64 -2.55 -4.83
CA CYS A 18 6.33 -2.75 -6.10
C CYS A 18 7.80 -3.10 -5.87
N SER A 19 8.27 -4.14 -6.56
CA SER A 19 9.65 -4.59 -6.43
C SER A 19 10.44 -4.30 -7.71
N ALA A 1 11.70 -1.62 -1.51
CA ALA A 1 10.35 -1.76 -2.00
C ALA A 1 9.58 -0.45 -1.90
N ARG A 2 8.75 -0.18 -2.90
CA ARG A 2 7.97 1.05 -2.93
C ARG A 2 6.47 0.74 -3.05
N CYS A 3 5.67 1.42 -2.25
CA CYS A 3 4.23 1.22 -2.26
C CYS A 3 3.67 1.34 -3.67
N CYS A 4 2.85 0.37 -4.06
CA CYS A 4 2.25 0.37 -5.40
C CYS A 4 0.78 0.79 -5.33
N LEU A 5 0.11 0.44 -4.24
CA LEU A 5 -1.29 0.77 -4.07
C LEU A 5 -1.64 0.88 -2.58
N VAL A 6 -1.87 2.10 -2.12
CA VAL A 6 -2.21 2.35 -0.73
C VAL A 6 -3.72 2.49 -0.54
N MET A 7 -4.22 2.07 0.61
CA MET A 7 -5.64 2.14 0.91
C MET A 7 -5.94 3.30 1.87
N PRO A 8 -6.93 4.12 1.52
CA PRO A 8 -7.33 5.26 2.34
C PRO A 8 -8.01 4.84 3.65
N VAL A 9 -8.33 3.55 3.75
CA VAL A 9 -8.98 3.02 4.94
C VAL A 9 -7.99 2.26 5.81
N PRO A 10 -8.25 2.23 7.13
CA PRO A 10 -7.39 1.55 8.10
C PRO A 10 -7.45 0.03 7.95
N PRO A 11 -6.27 -0.60 7.90
CA PRO A 11 -4.99 0.10 7.97
C PRO A 11 -4.70 0.92 6.72
N PHE A 12 -4.30 2.17 6.92
CA PHE A 12 -4.00 3.07 5.81
C PHE A 12 -2.71 2.64 5.10
N ALA A 13 -2.05 1.62 5.64
CA ALA A 13 -0.83 1.12 5.05
C ALA A 13 -1.03 0.73 3.59
N CYS A 14 0.03 0.24 2.96
CA CYS A 14 -0.02 -0.17 1.56
C CYS A 14 -0.55 -1.59 1.43
N VAL A 15 -1.27 -1.85 0.33
CA VAL A 15 -1.83 -3.17 0.09
C VAL A 15 -0.92 -3.99 -0.83
N LYS A 16 -0.40 -3.34 -1.87
CA LYS A 16 0.48 -4.01 -2.81
C LYS A 16 1.78 -3.23 -2.99
N PHE A 17 2.90 -3.88 -2.69
CA PHE A 17 4.20 -3.24 -2.81
C PHE A 17 4.86 -3.60 -4.14
N CYS A 18 5.43 -2.60 -4.80
CA CYS A 18 6.09 -2.80 -6.09
C CYS A 18 7.55 -3.18 -5.89
N SER A 19 7.99 -4.20 -6.61
CA SER A 19 9.38 -4.67 -6.51
C SER A 19 10.26 -3.93 -7.51
N ALA A 1 11.68 -1.37 -1.24
CA ALA A 1 10.39 -1.54 -1.92
C ALA A 1 9.59 -0.25 -1.91
N ARG A 2 8.71 -0.09 -2.89
CA ARG A 2 7.87 1.10 -3.00
C ARG A 2 6.40 0.73 -2.97
N CYS A 3 5.56 1.69 -2.58
CA CYS A 3 4.13 1.47 -2.50
C CYS A 3 3.50 1.48 -3.90
N CYS A 4 2.74 0.43 -4.20
CA CYS A 4 2.08 0.32 -5.50
C CYS A 4 0.61 0.71 -5.42
N LEU A 5 -0.01 0.37 -4.29
CA LEU A 5 -1.41 0.70 -4.07
C LEU A 5 -1.73 0.83 -2.59
N VAL A 6 -2.02 2.04 -2.15
CA VAL A 6 -2.34 2.30 -0.75
C VAL A 6 -3.85 2.39 -0.54
N MET A 7 -4.30 1.98 0.64
CA MET A 7 -5.72 2.02 0.97
C MET A 7 -6.03 3.17 1.91
N PRO A 8 -7.06 3.96 1.58
CA PRO A 8 -7.48 5.11 2.38
C PRO A 8 -8.11 4.69 3.71
N VAL A 9 -8.40 3.40 3.84
CA VAL A 9 -8.99 2.87 5.06
C VAL A 9 -7.96 2.16 5.92
N PRO A 10 -8.19 2.15 7.24
CA PRO A 10 -7.28 1.51 8.20
C PRO A 10 -7.29 0.00 8.09
N PRO A 11 -6.10 -0.60 8.02
CA PRO A 11 -4.84 0.14 8.05
C PRO A 11 -4.62 0.95 6.78
N PHE A 12 -4.23 2.22 6.95
CA PHE A 12 -4.00 3.10 5.81
C PHE A 12 -2.72 2.69 5.07
N ALA A 13 -2.01 1.71 5.62
CA ALA A 13 -0.78 1.24 5.01
C ALA A 13 -1.00 0.82 3.56
N CYS A 14 0.06 0.35 2.92
CA CYS A 14 -0.02 -0.08 1.53
C CYS A 14 -0.49 -1.53 1.43
N VAL A 15 -1.22 -1.84 0.37
CA VAL A 15 -1.74 -3.19 0.15
C VAL A 15 -0.82 -3.97 -0.78
N LYS A 16 -0.35 -3.32 -1.83
CA LYS A 16 0.53 -3.96 -2.79
C LYS A 16 1.83 -3.16 -2.97
N PHE A 17 2.95 -3.82 -2.72
CA PHE A 17 4.26 -3.18 -2.85
C PHE A 17 4.93 -3.57 -4.16
N CYS A 18 5.47 -2.58 -4.87
CA CYS A 18 6.14 -2.82 -6.13
C CYS A 18 7.62 -3.12 -5.91
N SER A 19 8.10 -4.19 -6.54
CA SER A 19 9.49 -4.60 -6.41
C SER A 19 10.12 -4.81 -7.78
N ALA A 1 11.61 -2.23 -1.16
CA ALA A 1 10.42 -2.22 -2.01
C ALA A 1 9.69 -0.89 -1.92
N ARG A 2 8.86 -0.61 -2.90
CA ARG A 2 8.09 0.64 -2.93
C ARG A 2 6.60 0.36 -3.03
N CYS A 3 5.81 1.08 -2.24
CA CYS A 3 4.36 0.91 -2.24
C CYS A 3 3.80 0.99 -3.65
N CYS A 4 2.97 0.01 -4.01
CA CYS A 4 2.37 -0.02 -5.34
C CYS A 4 0.91 0.44 -5.28
N LEU A 5 0.24 0.14 -4.18
CA LEU A 5 -1.16 0.53 -4.01
C LEU A 5 -1.50 0.67 -2.52
N VAL A 6 -1.74 1.90 -2.09
CA VAL A 6 -2.08 2.18 -0.70
C VAL A 6 -3.58 2.38 -0.54
N MET A 7 -4.10 2.00 0.63
CA MET A 7 -5.52 2.14 0.91
C MET A 7 -5.77 3.31 1.86
N PRO A 8 -6.74 4.17 1.49
CA PRO A 8 -7.09 5.35 2.29
C PRO A 8 -7.79 4.97 3.59
N VAL A 9 -8.17 3.70 3.71
CA VAL A 9 -8.84 3.22 4.92
C VAL A 9 -7.88 2.44 5.80
N PRO A 10 -8.16 2.43 7.11
CA PRO A 10 -7.34 1.73 8.09
C PRO A 10 -7.45 0.21 7.98
N PRO A 11 -6.30 -0.47 7.94
CA PRO A 11 -4.99 0.19 8.01
C PRO A 11 -4.67 0.99 6.75
N PHE A 12 -4.22 2.22 6.93
CA PHE A 12 -3.88 3.08 5.81
C PHE A 12 -2.61 2.60 5.12
N ALA A 13 -1.99 1.56 5.68
CA ALA A 13 -0.77 1.01 5.10
C ALA A 13 -0.98 0.62 3.65
N CYS A 14 0.07 0.07 3.03
CA CYS A 14 0.01 -0.35 1.64
C CYS A 14 -0.58 -1.75 1.51
N VAL A 15 -1.26 -2.00 0.39
CA VAL A 15 -1.87 -3.30 0.15
C VAL A 15 -0.98 -4.18 -0.72
N LYS A 16 -0.37 -3.56 -1.74
CA LYS A 16 0.51 -4.27 -2.65
C LYS A 16 1.82 -3.53 -2.84
N PHE A 17 2.93 -4.20 -2.56
CA PHE A 17 4.25 -3.60 -2.70
C PHE A 17 4.89 -3.99 -4.02
N CYS A 18 5.48 -3.01 -4.70
CA CYS A 18 6.12 -3.24 -5.99
C CYS A 18 7.58 -3.65 -5.80
N SER A 19 7.98 -4.74 -6.47
CA SER A 19 9.34 -5.24 -6.37
C SER A 19 9.96 -5.41 -7.75
N ALA A 1 11.82 -2.52 -1.96
CA ALA A 1 10.37 -2.64 -1.91
C ALA A 1 9.71 -1.28 -1.70
N ARG A 2 8.89 -0.88 -2.67
CA ARG A 2 8.20 0.41 -2.59
C ARG A 2 6.68 0.21 -2.67
N CYS A 3 5.94 1.18 -2.15
CA CYS A 3 4.49 1.12 -2.15
C CYS A 3 3.95 1.14 -3.58
N CYS A 4 3.13 0.14 -3.92
CA CYS A 4 2.55 0.04 -5.24
C CYS A 4 1.11 0.57 -5.26
N LEU A 5 0.40 0.35 -4.16
CA LEU A 5 -0.98 0.81 -4.04
C LEU A 5 -1.39 0.92 -2.57
N VAL A 6 -1.58 2.15 -2.11
CA VAL A 6 -1.97 2.40 -0.72
C VAL A 6 -3.49 2.49 -0.59
N MET A 7 -4.01 2.01 0.52
CA MET A 7 -5.45 2.03 0.77
C MET A 7 -5.82 3.18 1.70
N PRO A 8 -6.85 3.96 1.30
CA PRO A 8 -7.31 5.10 2.09
C PRO A 8 -8.01 4.68 3.38
N VAL A 9 -8.27 3.38 3.49
CA VAL A 9 -8.94 2.84 4.69
C VAL A 9 -7.93 2.17 5.61
N PRO A 10 -8.24 2.16 6.92
CA PRO A 10 -7.38 1.54 7.92
C PRO A 10 -7.36 0.02 7.82
N PRO A 11 -6.14 -0.55 7.81
CA PRO A 11 -4.90 0.21 7.90
C PRO A 11 -4.63 1.02 6.64
N PHE A 12 -4.30 2.30 6.82
CA PHE A 12 -4.02 3.17 5.69
C PHE A 12 -2.71 2.78 5.01
N ALA A 13 -1.99 1.84 5.60
CA ALA A 13 -0.73 1.37 5.06
C ALA A 13 -0.89 0.88 3.63
N CYS A 14 0.19 0.39 3.04
CA CYS A 14 0.16 -0.11 1.67
C CYS A 14 -0.30 -1.56 1.64
N VAL A 15 -1.18 -1.87 0.69
CA VAL A 15 -1.70 -3.23 0.53
C VAL A 15 -0.92 -4.00 -0.53
N LYS A 16 -0.45 -3.30 -1.55
CA LYS A 16 0.31 -3.90 -2.63
C LYS A 16 1.70 -3.30 -2.73
N PHE A 17 2.72 -4.13 -2.51
CA PHE A 17 4.10 -3.66 -2.58
C PHE A 17 4.72 -4.01 -3.94
N CYS A 18 5.38 -3.02 -4.55
CA CYS A 18 6.01 -3.22 -5.85
C CYS A 18 7.44 -3.74 -5.68
N SER A 19 7.77 -4.79 -6.41
CA SER A 19 9.10 -5.38 -6.34
C SER A 19 9.93 -5.00 -7.56
N ALA A 1 11.71 -2.21 -2.20
CA ALA A 1 10.30 -2.29 -2.57
C ALA A 1 9.58 -0.97 -2.29
N ARG A 2 8.68 -0.58 -3.19
CA ARG A 2 7.93 0.65 -3.04
C ARG A 2 6.43 0.39 -3.06
N CYS A 3 5.67 1.30 -2.46
CA CYS A 3 4.21 1.16 -2.41
C CYS A 3 3.62 1.10 -3.81
N CYS A 4 2.84 0.05 -4.07
CA CYS A 4 2.21 -0.12 -5.37
C CYS A 4 0.77 0.35 -5.35
N LEU A 5 0.10 0.17 -4.21
CA LEU A 5 -1.28 0.59 -4.06
C LEU A 5 -1.65 0.76 -2.59
N VAL A 6 -1.85 2.01 -2.18
CA VAL A 6 -2.20 2.30 -0.79
C VAL A 6 -3.71 2.37 -0.61
N MET A 7 -4.18 1.94 0.56
CA MET A 7 -5.61 1.95 0.87
C MET A 7 -5.97 3.13 1.76
N PRO A 8 -7.03 3.86 1.38
CA PRO A 8 -7.49 5.03 2.14
C PRO A 8 -8.12 4.62 3.47
N VAL A 9 -8.36 3.33 3.65
CA VAL A 9 -8.95 2.82 4.88
C VAL A 9 -7.89 2.20 5.79
N PRO A 10 -8.16 2.22 7.11
CA PRO A 10 -7.24 1.66 8.10
C PRO A 10 -7.19 0.15 8.04
N PRO A 11 -5.96 -0.41 8.02
CA PRO A 11 -4.74 0.40 8.02
C PRO A 11 -4.54 1.17 6.73
N PHE A 12 -4.24 2.46 6.85
CA PHE A 12 -4.02 3.31 5.69
C PHE A 12 -2.73 2.93 4.97
N ALA A 13 -1.96 2.03 5.57
CA ALA A 13 -0.71 1.58 4.99
C ALA A 13 -0.92 1.03 3.59
N CYS A 14 0.15 0.53 2.98
CA CYS A 14 0.08 -0.03 1.64
C CYS A 14 -0.33 -1.50 1.69
N VAL A 15 -1.23 -1.88 0.78
CA VAL A 15 -1.71 -3.25 0.70
C VAL A 15 -0.94 -4.05 -0.35
N LYS A 16 -0.54 -3.38 -1.41
CA LYS A 16 0.20 -4.02 -2.50
C LYS A 16 1.57 -3.37 -2.68
N PHE A 17 2.62 -4.16 -2.46
CA PHE A 17 3.98 -3.66 -2.60
C PHE A 17 4.57 -4.03 -3.95
N CYS A 18 5.14 -3.05 -4.64
CA CYS A 18 5.73 -3.27 -5.95
C CYS A 18 7.19 -3.71 -5.83
N SER A 19 7.54 -4.77 -6.54
CA SER A 19 8.90 -5.30 -6.52
C SER A 19 9.83 -4.46 -7.39
N ALA A 1 11.68 -2.14 -2.35
CA ALA A 1 10.30 -2.20 -2.82
C ALA A 1 9.57 -0.88 -2.57
N ARG A 2 8.65 -0.55 -3.47
CA ARG A 2 7.89 0.69 -3.34
C ARG A 2 6.39 0.40 -3.32
N CYS A 3 5.62 1.31 -2.73
CA CYS A 3 4.17 1.15 -2.64
C CYS A 3 3.55 1.06 -4.03
N CYS A 4 2.81 -0.02 -4.27
CA CYS A 4 2.16 -0.23 -5.57
C CYS A 4 0.72 0.25 -5.53
N LEU A 5 0.07 0.08 -4.38
CA LEU A 5 -1.32 0.50 -4.22
C LEU A 5 -1.65 0.69 -2.74
N VAL A 6 -1.86 1.95 -2.34
CA VAL A 6 -2.19 2.26 -0.96
C VAL A 6 -3.71 2.31 -0.76
N MET A 7 -4.14 1.94 0.45
CA MET A 7 -5.57 1.95 0.77
C MET A 7 -5.91 3.14 1.65
N PRO A 8 -6.99 3.87 1.28
CA PRO A 8 -7.45 5.04 2.04
C PRO A 8 -8.04 4.65 3.39
N VAL A 9 -8.33 3.37 3.56
CA VAL A 9 -8.91 2.87 4.81
C VAL A 9 -7.83 2.27 5.71
N PRO A 10 -8.08 2.32 7.03
CA PRO A 10 -7.14 1.78 8.02
C PRO A 10 -7.08 0.26 8.00
N PRO A 11 -5.84 -0.27 7.96
CA PRO A 11 -4.63 0.55 7.95
C PRO A 11 -4.44 1.30 6.64
N PHE A 12 -4.14 2.59 6.74
CA PHE A 12 -3.93 3.42 5.55
C PHE A 12 -2.66 3.02 4.83
N ALA A 13 -1.88 2.12 5.44
CA ALA A 13 -0.63 1.66 4.84
C ALA A 13 -0.86 1.09 3.45
N CYS A 14 0.20 0.58 2.84
CA CYS A 14 0.11 0.00 1.51
C CYS A 14 -0.31 -1.47 1.59
N VAL A 15 -1.18 -1.88 0.66
CA VAL A 15 -1.65 -3.25 0.62
C VAL A 15 -0.90 -4.07 -0.42
N LYS A 16 -0.50 -3.42 -1.51
CA LYS A 16 0.23 -4.08 -2.58
C LYS A 16 1.59 -3.43 -2.79
N PHE A 17 2.65 -4.20 -2.56
CA PHE A 17 4.01 -3.70 -2.72
C PHE A 17 4.56 -4.07 -4.10
N CYS A 18 5.13 -3.08 -4.78
CA CYS A 18 5.69 -3.30 -6.11
C CYS A 18 7.16 -3.73 -6.01
N SER A 19 7.50 -4.78 -6.75
CA SER A 19 8.87 -5.30 -6.74
C SER A 19 9.82 -4.35 -7.47
#